data_2YCI
#
_entry.id   2YCI
#
_cell.length_a   64.009
_cell.length_b   64.009
_cell.length_c   176.178
_cell.angle_alpha   90.00
_cell.angle_beta   90.00
_cell.angle_gamma   90.00
#
_symmetry.space_group_name_H-M   'P 43 21 2'
#
loop_
_entity.id
_entity.type
_entity.pdbx_description
1 polymer '5-METHYLTETRAHYDROFOLATE CORRINOID/IRON SULFUR PROTEIN METHYLTRANSFERASE'
2 non-polymer 'SULFATE ION'
3 water water
#
_entity_poly.entity_id   1
_entity_poly.type   'polypeptide(L)'
_entity_poly.pdbx_seq_one_letter_code
;GLVPRGSHMFIMIGERINGMFKDIREAILNKDPRPIQEWARRQAEKGAHYLDVNTGPTADDPVRVMEWLVKTIQEVVDLP
CCLDSTNPDAIEAGLKVHRGHAMINSTSADQWKMDIFFPMAKKYEAAIIGLTMNEKGVPKDANDRSQLAMELVANADAHG
IPMTELYIDPLILPVNVAQEHAVEVLETIRQIKLMANPAPRTVLGLSNVSQKCPDRPLINRTYLVMAMTAGLDAAIMDVD
DDALVDAAATAHILLNKEIYCDSYLKTFRQK
;
_entity_poly.pdbx_strand_id   X
#
loop_
_chem_comp.id
_chem_comp.type
_chem_comp.name
_chem_comp.formula
SO4 non-polymer 'SULFATE ION' 'O4 S -2'
#
# COMPACT_ATOMS: atom_id res chain seq x y z
N GLY A 1 -19.32 14.59 3.99
CA GLY A 1 -19.72 13.91 2.72
C GLY A 1 -18.47 13.66 1.87
N LEU A 2 -18.55 13.98 0.58
CA LEU A 2 -17.48 13.62 -0.35
C LEU A 2 -16.43 14.74 -0.53
N VAL A 3 -16.68 15.89 0.06
CA VAL A 3 -15.68 16.96 0.08
C VAL A 3 -14.55 16.62 1.06
N PRO A 4 -13.36 16.29 0.53
CA PRO A 4 -12.35 15.82 1.50
C PRO A 4 -12.00 16.89 2.55
N ARG A 5 -11.69 16.45 3.76
CA ARG A 5 -11.35 17.36 4.86
C ARG A 5 -9.94 17.89 4.67
N GLY A 6 -9.03 17.02 4.21
CA GLY A 6 -7.64 17.41 4.01
C GLY A 6 -7.30 17.63 2.54
N SER A 7 -6.03 17.92 2.33
CA SER A 7 -5.50 18.05 1.00
C SER A 7 -4.08 17.46 0.95
N HIS A 8 -3.88 16.32 1.60
CA HIS A 8 -2.60 15.60 1.49
C HIS A 8 -2.44 14.97 0.11
N MET A 9 -1.24 15.05 -0.45
CA MET A 9 -0.95 14.38 -1.66
C MET A 9 -1.23 12.85 -1.52
N PHE A 10 -1.82 12.33 -2.60
CA PHE A 10 -2.18 10.90 -2.70
C PHE A 10 -0.85 10.15 -2.65
N ILE A 11 -0.79 9.11 -1.83
CA ILE A 11 0.46 8.39 -1.65
C ILE A 11 0.59 7.16 -2.53
N MET A 12 1.51 7.21 -3.48
CA MET A 12 1.74 6.12 -4.45
C MET A 12 2.90 5.20 -3.93
N ILE A 13 2.57 3.95 -3.71
CA ILE A 13 3.48 2.90 -3.28
C ILE A 13 3.78 1.94 -4.47
N GLY A 14 4.93 2.10 -5.11
CA GLY A 14 5.27 1.31 -6.29
C GLY A 14 5.24 -0.17 -5.93
N GLU A 15 4.58 -0.98 -6.77
CA GLU A 15 4.36 -2.39 -6.44
C GLU A 15 5.43 -3.34 -6.96
N ARG A 16 6.34 -2.86 -7.79
CA ARG A 16 7.01 -3.73 -8.74
C ARG A 16 8.14 -4.61 -8.13
N ILE A 17 8.72 -4.23 -6.98
CA ILE A 17 9.84 -5.03 -6.38
C ILE A 17 9.33 -6.15 -5.49
N ASN A 18 8.79 -7.14 -6.15
CA ASN A 18 8.02 -8.17 -5.52
C ASN A 18 8.37 -9.48 -6.19
N GLY A 19 8.91 -10.39 -5.41
CA GLY A 19 9.41 -11.69 -5.97
C GLY A 19 8.34 -12.63 -6.51
N MET A 20 7.11 -12.13 -6.60
CA MET A 20 6.15 -12.81 -7.45
C MET A 20 6.42 -12.65 -8.93
N PHE A 21 7.05 -11.57 -9.30
CA PHE A 21 7.53 -11.41 -10.65
C PHE A 21 8.86 -12.12 -10.85
N LYS A 22 8.99 -12.73 -12.02
CA LYS A 22 10.15 -13.60 -12.28
C LYS A 22 11.47 -12.82 -12.24
N ASP A 23 11.47 -11.65 -12.84
CA ASP A 23 12.73 -10.92 -12.84
CA ASP A 23 12.57 -10.65 -12.78
C ASP A 23 13.29 -10.62 -11.43
N ILE A 24 12.47 -10.13 -10.50
CA ILE A 24 12.88 -9.94 -9.13
C ILE A 24 13.33 -11.27 -8.53
N ARG A 25 12.52 -12.29 -8.74
CA ARG A 25 12.75 -13.58 -8.09
C ARG A 25 14.12 -14.16 -8.49
N GLU A 26 14.45 -13.99 -9.78
CA GLU A 26 15.75 -14.43 -10.32
C GLU A 26 16.93 -13.51 -9.99
N ALA A 27 16.66 -12.22 -9.80
CA ALA A 27 17.61 -11.32 -9.15
C ALA A 27 17.94 -11.76 -7.75
N ILE A 28 16.93 -12.04 -6.93
CA ILE A 28 17.18 -12.56 -5.61
C ILE A 28 18.02 -13.89 -5.68
N LEU A 29 17.55 -14.87 -6.44
CA LEU A 29 18.32 -16.11 -6.66
C LEU A 29 19.78 -15.86 -7.02
N ASN A 30 20.07 -14.90 -7.86
CA ASN A 30 21.44 -14.70 -8.34
C ASN A 30 22.26 -13.79 -7.48
N LYS A 31 21.59 -13.19 -6.50
CA LYS A 31 22.08 -12.02 -5.79
C LYS A 31 22.61 -10.96 -6.75
N ASP A 32 21.77 -10.67 -7.74
CA ASP A 32 22.05 -9.64 -8.71
C ASP A 32 21.24 -8.35 -8.47
N PRO A 33 21.96 -7.27 -8.20
CA PRO A 33 21.27 -6.12 -7.65
C PRO A 33 20.72 -5.25 -8.76
N ARG A 34 21.18 -5.47 -10.00
CA ARG A 34 20.82 -4.53 -11.06
C ARG A 34 19.29 -4.43 -11.35
N PRO A 35 18.60 -5.56 -11.53
CA PRO A 35 17.16 -5.38 -11.73
C PRO A 35 16.49 -4.65 -10.59
N ILE A 36 16.86 -4.99 -9.35
CA ILE A 36 16.26 -4.36 -8.18
C ILE A 36 16.52 -2.85 -8.25
N GLN A 37 17.74 -2.49 -8.63
CA GLN A 37 18.12 -1.09 -8.66
C GLN A 37 17.45 -0.35 -9.79
N GLU A 38 17.30 -1.01 -10.92
CA GLU A 38 16.68 -0.39 -12.07
C GLU A 38 15.21 -0.12 -11.72
N TRP A 39 14.55 -1.09 -11.08
CA TRP A 39 13.12 -0.92 -10.80
C TRP A 39 12.93 0.13 -9.73
N ALA A 40 13.87 0.21 -8.79
CA ALA A 40 13.81 1.22 -7.78
C ALA A 40 13.85 2.61 -8.43
N ARG A 41 14.90 2.82 -9.23
CA ARG A 41 15.02 4.04 -9.99
C ARG A 41 13.78 4.38 -10.84
N ARG A 42 13.35 3.44 -11.67
CA ARG A 42 12.20 3.61 -12.55
C ARG A 42 10.94 4.04 -11.79
N GLN A 43 10.65 3.40 -10.66
CA GLN A 43 9.49 3.79 -9.88
C GLN A 43 9.70 5.15 -9.23
N ALA A 44 10.90 5.44 -8.71
CA ALA A 44 11.19 6.79 -8.17
C ALA A 44 10.96 7.88 -9.21
N GLU A 45 11.40 7.64 -10.44
CA GLU A 45 11.36 8.64 -11.47
C GLU A 45 9.88 8.87 -11.82
N LYS A 46 9.12 7.79 -11.86
CA LYS A 46 7.67 7.89 -12.09
C LYS A 46 6.87 8.47 -10.93
N GLY A 47 7.48 8.78 -9.80
CA GLY A 47 6.74 9.51 -8.74
C GLY A 47 6.37 8.80 -7.47
N ALA A 48 6.86 7.58 -7.31
CA ALA A 48 6.55 6.80 -6.16
C ALA A 48 6.98 7.50 -4.87
N HIS A 49 6.15 7.44 -3.87
CA HIS A 49 6.50 7.94 -2.56
C HIS A 49 7.21 6.85 -1.72
N TYR A 50 6.69 5.63 -1.83
CA TYR A 50 7.29 4.49 -1.16
C TYR A 50 7.45 3.39 -2.21
N LEU A 51 8.38 2.46 -1.96
CA LEU A 51 8.50 1.26 -2.76
C LEU A 51 8.15 0.05 -1.96
N ASP A 52 7.21 -0.76 -2.47
CA ASP A 52 6.85 -2.03 -1.86
C ASP A 52 8.05 -3.00 -2.08
N VAL A 53 8.30 -3.82 -1.08
CA VAL A 53 9.43 -4.76 -1.10
C VAL A 53 8.93 -6.07 -0.60
N ASN A 54 8.83 -7.01 -1.51
CA ASN A 54 8.31 -8.31 -1.18
C ASN A 54 9.25 -9.40 -1.72
N THR A 55 9.70 -10.31 -0.85
CA THR A 55 10.71 -11.33 -1.20
C THR A 55 10.14 -12.30 -2.20
N GLY A 56 8.80 -12.43 -2.22
CA GLY A 56 8.21 -13.52 -2.96
C GLY A 56 8.56 -14.87 -2.32
N PRO A 57 8.10 -15.98 -2.95
CA PRO A 57 8.37 -17.35 -2.49
C PRO A 57 9.86 -17.69 -2.66
N THR A 58 10.47 -17.91 -1.52
CA THR A 58 11.89 -18.24 -1.45
C THR A 58 12.18 -19.37 -0.46
N ALA A 59 13.14 -20.23 -0.77
CA ALA A 59 13.63 -21.18 0.23
C ALA A 59 14.88 -20.69 0.90
N ASP A 60 15.23 -19.42 0.63
CA ASP A 60 16.33 -18.78 1.32
C ASP A 60 15.80 -18.06 2.59
N ASP A 61 16.70 -17.59 3.43
CA ASP A 61 16.31 -17.00 4.73
C ASP A 61 15.71 -15.59 4.48
N PRO A 62 14.41 -15.47 4.73
CA PRO A 62 13.72 -14.21 4.32
C PRO A 62 14.34 -12.99 4.99
N VAL A 63 14.90 -13.19 6.19
CA VAL A 63 15.58 -12.10 6.90
C VAL A 63 16.71 -11.54 6.06
N ARG A 64 17.55 -12.41 5.47
CA ARG A 64 18.68 -11.95 4.68
C ARG A 64 18.22 -11.37 3.36
N VAL A 65 17.19 -11.99 2.77
CA VAL A 65 16.66 -11.46 1.51
C VAL A 65 16.06 -10.05 1.67
N MET A 66 15.31 -9.84 2.76
CA MET A 66 14.72 -8.54 2.97
C MET A 66 15.79 -7.50 3.20
N GLU A 67 16.79 -7.83 4.03
CA GLU A 67 17.86 -6.87 4.31
C GLU A 67 18.52 -6.46 3.05
N TRP A 68 18.79 -7.45 2.17
CA TRP A 68 19.50 -7.17 0.95
C TRP A 68 18.66 -6.29 0.05
N LEU A 69 17.39 -6.64 -0.07
CA LEU A 69 16.50 -5.85 -0.93
C LEU A 69 16.44 -4.37 -0.45
N VAL A 70 16.29 -4.16 0.84
CA VAL A 70 16.14 -2.80 1.37
C VAL A 70 17.41 -2.00 1.20
N LYS A 71 18.58 -2.61 1.49
CA LYS A 71 19.84 -1.88 1.28
C LYS A 71 20.15 -1.65 -0.17
N THR A 72 19.83 -2.61 -1.03
CA THR A 72 20.07 -2.47 -2.44
C THR A 72 19.25 -1.33 -3.06
N ILE A 73 18.01 -1.24 -2.61
CA ILE A 73 17.12 -0.17 -3.08
C ILE A 73 17.65 1.17 -2.63
N GLN A 74 17.87 1.30 -1.32
CA GLN A 74 18.14 2.60 -0.74
C GLN A 74 19.57 3.09 -0.96
N GLU A 75 20.40 2.24 -1.56
CA GLU A 75 21.66 2.69 -2.12
C GLU A 75 21.50 3.55 -3.34
N VAL A 76 20.40 3.39 -4.08
CA VAL A 76 20.26 4.09 -5.37
C VAL A 76 19.12 5.12 -5.41
N VAL A 77 18.22 5.09 -4.43
CA VAL A 77 17.14 6.07 -4.40
C VAL A 77 16.91 6.55 -3.01
N ASP A 78 16.49 7.80 -2.89
CA ASP A 78 16.11 8.33 -1.59
C ASP A 78 14.63 8.21 -1.30
N LEU A 79 14.11 6.98 -1.35
CA LEU A 79 12.72 6.71 -0.93
C LEU A 79 12.69 5.71 0.20
N PRO A 80 11.64 5.75 0.99
CA PRO A 80 11.33 4.75 1.97
C PRO A 80 10.67 3.49 1.36
N CYS A 81 10.73 2.40 2.12
CA CYS A 81 10.23 1.10 1.67
C CYS A 81 8.98 0.78 2.43
N CYS A 82 8.04 0.13 1.72
CA CYS A 82 6.89 -0.48 2.29
C CYS A 82 7.14 -2.00 2.36
N LEU A 83 7.54 -2.46 3.55
CA LEU A 83 8.04 -3.79 3.75
C LEU A 83 6.89 -4.80 3.78
N ASP A 84 6.88 -5.69 2.78
CA ASP A 84 5.72 -6.51 2.46
C ASP A 84 6.05 -7.98 2.69
N SER A 85 5.68 -8.54 3.84
CA SER A 85 6.01 -9.91 4.14
C SER A 85 5.04 -10.50 5.13
N THR A 86 4.82 -11.84 5.05
CA THR A 86 4.05 -12.58 6.05
C THR A 86 4.94 -12.90 7.30
N ASN A 87 6.24 -12.68 7.18
CA ASN A 87 7.19 -13.07 8.24
C ASN A 87 7.64 -11.85 9.10
N PRO A 88 7.25 -11.78 10.37
CA PRO A 88 7.60 -10.63 11.21
C PRO A 88 9.12 -10.43 11.47
N ASP A 89 9.89 -11.50 11.46
CA ASP A 89 11.34 -11.35 11.60
C ASP A 89 11.94 -10.67 10.36
N ALA A 90 11.44 -11.06 9.19
CA ALA A 90 11.78 -10.41 7.92
C ALA A 90 11.44 -8.90 7.95
N ILE A 91 10.26 -8.56 8.45
CA ILE A 91 9.88 -7.15 8.53
C ILE A 91 10.88 -6.48 9.48
N GLU A 92 11.07 -7.07 10.66
CA GLU A 92 11.95 -6.42 11.64
C GLU A 92 13.35 -6.23 11.14
N ALA A 93 13.91 -7.22 10.43
CA ALA A 93 15.25 -7.10 9.84
C ALA A 93 15.29 -5.96 8.88
N GLY A 94 14.22 -5.81 8.08
CA GLY A 94 14.21 -4.70 7.13
C GLY A 94 14.18 -3.35 7.84
N LEU A 95 13.44 -3.28 8.91
CA LEU A 95 13.30 -2.03 9.66
C LEU A 95 14.65 -1.61 10.27
N LYS A 96 15.44 -2.60 10.65
CA LYS A 96 16.75 -2.28 11.28
C LYS A 96 17.78 -1.71 10.31
N VAL A 97 17.69 -2.09 9.04
CA VAL A 97 18.60 -1.56 8.09
C VAL A 97 18.09 -0.35 7.35
N HIS A 98 16.83 -0.02 7.55
CA HIS A 98 16.08 0.90 6.63
C HIS A 98 16.52 2.30 7.00
N ARG A 99 16.70 3.15 6.01
CA ARG A 99 16.95 4.53 6.30
C ARG A 99 15.64 5.31 6.19
N GLY A 100 15.39 6.16 7.19
CA GLY A 100 14.14 6.91 7.27
C GLY A 100 12.98 6.10 7.79
N HIS A 101 11.78 6.61 7.61
CA HIS A 101 10.62 5.99 8.21
C HIS A 101 9.92 5.06 7.20
N ALA A 102 9.78 3.79 7.56
CA ALA A 102 9.29 2.77 6.64
C ALA A 102 7.76 2.72 6.68
N MET A 103 7.23 1.68 6.02
CA MET A 103 5.83 1.27 6.19
C MET A 103 5.78 -0.24 6.22
N ILE A 104 5.04 -0.75 7.18
CA ILE A 104 4.80 -2.17 7.36
C ILE A 104 3.51 -2.67 6.66
N ASN A 105 3.70 -3.68 5.84
CA ASN A 105 2.66 -4.28 5.02
C ASN A 105 2.59 -5.80 5.29
N SER A 106 1.83 -6.29 6.24
CA SER A 106 0.76 -5.63 6.95
C SER A 106 0.50 -6.50 8.22
N THR A 107 -0.30 -5.99 9.13
CA THR A 107 -1.03 -6.79 10.07
C THR A 107 -2.45 -6.98 9.66
N SER A 108 -2.97 -8.16 10.00
CA SER A 108 -4.34 -8.52 9.98
C SER A 108 -4.93 -8.14 11.32
N ALA A 109 -6.22 -8.35 11.39
CA ALA A 109 -6.97 -8.03 12.60
C ALA A 109 -6.91 -9.17 13.59
N ASP A 110 -6.18 -10.23 13.22
CA ASP A 110 -5.91 -11.36 14.13
C ASP A 110 -5.11 -10.84 15.33
N GLN A 111 -5.61 -11.10 16.54
CA GLN A 111 -5.00 -10.58 17.75
C GLN A 111 -3.48 -10.78 17.87
N TRP A 112 -3.01 -11.95 17.47
CA TRP A 112 -1.61 -12.30 17.68
C TRP A 112 -0.70 -11.70 16.66
N LYS A 113 -1.27 -11.35 15.50
CA LYS A 113 -0.58 -10.45 14.58
C LYS A 113 -0.54 -9.03 15.09
N MET A 114 -1.70 -8.47 15.41
CA MET A 114 -1.74 -7.14 15.93
C MET A 114 -0.72 -6.97 17.07
N ASP A 115 -0.75 -7.96 17.96
CA ASP A 115 0.13 -8.04 19.16
C ASP A 115 1.64 -8.01 18.86
N ILE A 116 2.00 -8.54 17.67
CA ILE A 116 3.38 -8.52 17.17
C ILE A 116 3.73 -7.31 16.36
N PHE A 117 2.87 -6.90 15.42
CA PHE A 117 3.26 -5.83 14.49
C PHE A 117 3.12 -4.42 15.01
N PHE A 118 2.12 -4.16 15.86
CA PHE A 118 1.94 -2.81 16.35
C PHE A 118 3.08 -2.31 17.24
N PRO A 119 3.60 -3.17 18.13
CA PRO A 119 4.85 -2.80 18.84
C PRO A 119 6.01 -2.47 17.89
N MET A 120 6.06 -3.22 16.80
CA MET A 120 7.12 -3.02 15.83
C MET A 120 6.99 -1.67 15.18
N ALA A 121 5.76 -1.34 14.75
CA ALA A 121 5.55 -0.03 14.17
C ALA A 121 5.93 1.05 15.16
N LYS A 122 5.49 0.88 16.40
CA LYS A 122 5.78 1.87 17.44
C LYS A 122 7.31 1.99 17.66
N LYS A 123 7.95 0.83 17.86
CA LYS A 123 9.40 0.82 18.10
C LYS A 123 10.18 1.56 17.01
N TYR A 124 9.88 1.29 15.74
CA TYR A 124 10.69 1.80 14.64
C TYR A 124 10.06 2.99 13.91
N GLU A 125 9.01 3.56 14.50
CA GLU A 125 8.41 4.80 13.96
C GLU A 125 8.00 4.57 12.49
N ALA A 126 7.49 3.37 12.24
CA ALA A 126 6.98 3.03 10.92
C ALA A 126 5.47 3.24 10.85
N ALA A 127 5.01 3.60 9.66
CA ALA A 127 3.57 3.47 9.32
C ALA A 127 3.23 2.01 9.23
N ILE A 128 1.96 1.67 9.39
CA ILE A 128 1.56 0.29 9.37
C ILE A 128 0.19 0.11 8.73
N ILE A 129 0.17 -0.80 7.78
CA ILE A 129 -1.04 -1.17 7.06
C ILE A 129 -1.72 -2.27 7.83
N GLY A 130 -2.97 -2.02 8.16
CA GLY A 130 -3.85 -3.03 8.71
C GLY A 130 -4.86 -3.52 7.73
N LEU A 131 -4.94 -4.84 7.56
CA LEU A 131 -5.88 -5.46 6.66
C LEU A 131 -7.14 -5.86 7.37
N THR A 132 -8.26 -5.50 6.78
CA THR A 132 -9.54 -5.92 7.30
C THR A 132 -9.81 -7.38 6.95
N MET A 133 -9.10 -8.26 7.66
CA MET A 133 -9.54 -9.60 7.75
C MET A 133 -8.92 -10.28 8.96
N ASN A 134 -9.39 -11.49 9.17
CA ASN A 134 -8.81 -12.36 10.17
C ASN A 134 -9.04 -13.81 9.77
N GLU A 135 -8.63 -14.73 10.65
CA GLU A 135 -8.62 -16.13 10.27
C GLU A 135 -10.01 -16.66 9.98
N LYS A 136 -11.05 -16.02 10.53
CA LYS A 136 -12.40 -16.46 10.20
C LYS A 136 -12.70 -16.35 8.71
N GLY A 137 -11.85 -15.61 7.99
CA GLY A 137 -11.90 -15.55 6.55
C GLY A 137 -12.19 -14.18 5.94
N VAL A 138 -12.49 -14.22 4.64
CA VAL A 138 -12.68 -13.01 3.86
C VAL A 138 -13.99 -12.32 4.20
N PRO A 139 -13.89 -11.11 4.74
CA PRO A 139 -15.13 -10.49 5.11
C PRO A 139 -16.04 -10.22 3.88
N LYS A 140 -17.33 -10.27 4.07
CA LYS A 140 -18.22 -10.23 2.95
C LYS A 140 -18.61 -8.84 2.46
N ASP A 141 -18.81 -7.94 3.41
CA ASP A 141 -19.84 -6.89 3.48
C ASP A 141 -18.93 -5.65 3.82
N ALA A 142 -19.44 -4.45 3.67
CA ALA A 142 -18.77 -3.25 4.24
C ALA A 142 -18.92 -3.23 5.76
N ASN A 143 -20.03 -3.75 6.24
CA ASN A 143 -20.23 -3.84 7.67
C ASN A 143 -19.20 -4.74 8.34
N ASP A 144 -19.02 -5.95 7.83
CA ASP A 144 -17.96 -6.83 8.29
C ASP A 144 -16.58 -6.15 8.30
N ARG A 145 -16.19 -5.63 7.14
CA ARG A 145 -14.89 -5.01 6.97
C ARG A 145 -14.68 -3.80 7.92
N SER A 146 -15.73 -3.01 8.07
CA SER A 146 -15.70 -1.86 8.99
C SER A 146 -15.57 -2.32 10.44
N GLN A 147 -16.25 -3.38 10.84
CA GLN A 147 -15.97 -3.92 12.17
C GLN A 147 -14.51 -4.27 12.42
N LEU A 148 -13.86 -4.89 11.44
CA LEU A 148 -12.47 -5.22 11.59
C LEU A 148 -11.64 -3.93 11.60
N ALA A 149 -11.97 -2.96 10.74
CA ALA A 149 -11.26 -1.68 10.75
C ALA A 149 -11.31 -1.05 12.18
N MET A 150 -12.50 -0.99 12.77
CA MET A 150 -12.61 -0.41 14.15
C MET A 150 -11.67 -1.12 15.14
N GLU A 151 -11.64 -2.44 15.04
CA GLU A 151 -10.75 -3.25 15.86
C GLU A 151 -9.30 -2.89 15.64
N LEU A 152 -8.89 -2.77 14.38
CA LEU A 152 -7.58 -2.31 14.10
C LEU A 152 -7.31 -0.96 14.73
N VAL A 153 -8.27 -0.04 14.59
CA VAL A 153 -8.07 1.28 15.13
C VAL A 153 -7.82 1.22 16.64
N ALA A 154 -8.66 0.47 17.34
CA ALA A 154 -8.64 0.37 18.81
C ALA A 154 -7.31 -0.19 19.26
N ASN A 155 -6.81 -1.22 18.56
CA ASN A 155 -5.48 -1.78 18.87
C ASN A 155 -4.36 -0.80 18.55
N ALA A 156 -4.43 -0.16 17.39
CA ALA A 156 -3.39 0.79 17.07
C ALA A 156 -3.33 1.78 18.24
N ASP A 157 -4.50 2.18 18.71
CA ASP A 157 -4.55 3.32 19.61
C ASP A 157 -3.95 2.86 20.96
N ALA A 158 -4.33 1.68 21.39
CA ALA A 158 -3.79 1.09 22.61
C ALA A 158 -2.26 0.88 22.62
N HIS A 159 -1.64 0.91 21.45
CA HIS A 159 -0.18 0.78 21.33
C HIS A 159 0.43 2.13 21.21
N GLY A 160 -0.42 3.15 21.18
CA GLY A 160 0.05 4.52 20.96
C GLY A 160 0.47 4.87 19.54
N ILE A 161 -0.20 4.30 18.54
CA ILE A 161 0.14 4.65 17.18
C ILE A 161 -0.87 5.72 16.78
N PRO A 162 -0.38 6.86 16.28
CA PRO A 162 -1.21 7.95 15.75
C PRO A 162 -2.04 7.44 14.56
N MET A 163 -3.19 8.08 14.35
CA MET A 163 -4.07 7.64 13.24
C MET A 163 -3.45 8.01 11.89
N THR A 164 -2.58 9.01 11.90
CA THR A 164 -1.92 9.48 10.71
C THR A 164 -0.91 8.42 10.20
N GLU A 165 -0.65 7.41 11.03
CA GLU A 165 0.43 6.44 10.77
C GLU A 165 -0.18 5.13 10.37
N LEU A 166 -1.52 5.06 10.40
CA LEU A 166 -2.23 3.76 10.32
C LEU A 166 -3.08 3.75 9.02
N TYR A 167 -2.79 2.76 8.16
CA TYR A 167 -3.45 2.71 6.85
C TYR A 167 -4.22 1.44 6.79
N ILE A 168 -5.53 1.54 6.85
CA ILE A 168 -6.41 0.40 6.78
C ILE A 168 -6.59 0.01 5.33
N ASP A 169 -6.37 -1.27 5.05
CA ASP A 169 -6.53 -1.84 3.73
C ASP A 169 -7.79 -2.69 3.75
N PRO A 170 -8.83 -2.22 3.07
CA PRO A 170 -10.11 -2.85 3.18
C PRO A 170 -10.28 -4.06 2.24
N LEU A 171 -9.20 -4.47 1.60
CA LEU A 171 -9.13 -5.77 0.89
C LEU A 171 -10.00 -5.82 -0.39
N ILE A 172 -9.50 -5.20 -1.45
CA ILE A 172 -10.15 -5.35 -2.76
C ILE A 172 -9.84 -6.74 -3.38
N LEU A 173 -10.86 -7.35 -3.96
CA LEU A 173 -10.71 -8.68 -4.60
C LEU A 173 -11.05 -8.53 -6.09
N PRO A 174 -10.66 -9.51 -6.93
CA PRO A 174 -10.82 -9.32 -8.37
C PRO A 174 -12.24 -9.34 -8.83
N VAL A 175 -12.59 -8.35 -9.66
CA VAL A 175 -13.95 -8.08 -10.00
C VAL A 175 -14.59 -9.21 -10.83
N ASN A 176 -13.78 -10.02 -11.50
CA ASN A 176 -14.36 -11.13 -12.24
C ASN A 176 -14.85 -12.29 -11.36
N VAL A 177 -14.11 -12.56 -10.30
CA VAL A 177 -14.48 -13.64 -9.35
C VAL A 177 -15.15 -13.18 -8.08
N ALA A 178 -15.13 -11.87 -7.79
CA ALA A 178 -15.69 -11.39 -6.56
C ALA A 178 -16.26 -9.99 -6.77
N GLN A 179 -17.14 -9.84 -7.77
CA GLN A 179 -17.58 -8.51 -8.24
C GLN A 179 -18.18 -7.68 -7.14
N GLU A 180 -19.06 -8.27 -6.36
CA GLU A 180 -19.86 -7.54 -5.37
C GLU A 180 -18.98 -6.83 -4.32
N HIS A 181 -17.78 -7.35 -4.10
CA HIS A 181 -16.92 -6.77 -3.08
C HIS A 181 -16.52 -5.33 -3.44
N ALA A 182 -16.36 -5.02 -4.72
CA ALA A 182 -15.67 -3.77 -5.09
C ALA A 182 -16.46 -2.58 -4.53
N VAL A 183 -17.79 -2.61 -4.66
CA VAL A 183 -18.58 -1.57 -4.08
C VAL A 183 -18.69 -1.61 -2.57
N GLU A 184 -18.59 -2.80 -1.92
CA GLU A 184 -18.44 -2.84 -0.49
C GLU A 184 -17.13 -2.22 0.01
N VAL A 185 -16.07 -2.34 -0.78
CA VAL A 185 -14.73 -1.77 -0.43
C VAL A 185 -14.74 -0.26 -0.55
N LEU A 186 -15.56 0.24 -1.47
CA LEU A 186 -15.72 1.71 -1.57
C LEU A 186 -16.44 2.25 -0.37
N GLU A 187 -17.50 1.58 0.07
CA GLU A 187 -18.23 2.00 1.21
C GLU A 187 -17.42 1.85 2.50
N THR A 188 -16.56 0.82 2.57
CA THR A 188 -15.64 0.69 3.71
C THR A 188 -14.66 1.85 3.82
N ILE A 189 -14.06 2.22 2.71
CA ILE A 189 -13.14 3.38 2.65
C ILE A 189 -13.84 4.59 3.20
N ARG A 190 -15.11 4.81 2.81
CA ARG A 190 -15.85 5.97 3.27
C ARG A 190 -16.10 5.97 4.78
N GLN A 191 -16.42 4.81 5.31
CA GLN A 191 -16.68 4.63 6.72
C GLN A 191 -15.40 4.72 7.57
N ILE A 192 -14.26 4.22 7.05
CA ILE A 192 -13.02 4.27 7.79
C ILE A 192 -12.69 5.76 8.08
N LYS A 193 -13.02 6.62 7.14
CA LYS A 193 -12.57 8.01 7.22
C LYS A 193 -13.42 8.74 8.25
N LEU A 194 -14.39 8.04 8.82
CA LEU A 194 -15.20 8.64 9.88
C LEU A 194 -14.81 8.21 11.28
N MET A 195 -13.92 7.22 11.44
CA MET A 195 -13.79 6.51 12.70
C MET A 195 -12.89 7.17 13.76
N ALA A 196 -12.24 8.25 13.40
CA ALA A 196 -11.42 8.99 14.37
C ALA A 196 -11.11 10.35 13.82
N ASN A 197 -10.70 11.27 14.70
CA ASN A 197 -10.12 12.54 14.23
C ASN A 197 -8.80 12.82 14.94
N PRO A 198 -7.70 12.97 14.17
CA PRO A 198 -7.65 12.72 12.74
C PRO A 198 -8.06 11.29 12.37
N ALA A 199 -8.42 11.11 11.10
CA ALA A 199 -8.94 9.82 10.61
C ALA A 199 -7.75 8.85 10.47
N PRO A 200 -8.02 7.55 10.57
CA PRO A 200 -7.10 6.64 9.92
C PRO A 200 -6.98 6.90 8.45
N ARG A 201 -5.82 6.57 7.94
CA ARG A 201 -5.65 6.56 6.54
C ARG A 201 -6.11 5.22 5.91
N THR A 202 -6.26 5.26 4.59
CA THR A 202 -6.75 4.10 3.85
C THR A 202 -5.77 3.80 2.74
N VAL A 203 -5.64 2.51 2.37
CA VAL A 203 -4.74 2.08 1.25
C VAL A 203 -5.39 0.85 0.60
N LEU A 204 -5.05 0.61 -0.65
CA LEU A 204 -5.54 -0.57 -1.34
C LEU A 204 -4.35 -1.22 -1.97
N GLY A 205 -4.37 -2.56 -2.09
CA GLY A 205 -3.48 -3.20 -3.07
C GLY A 205 -4.23 -3.23 -4.43
N LEU A 206 -4.05 -2.15 -5.20
CA LEU A 206 -4.98 -1.77 -6.30
C LEU A 206 -5.08 -2.84 -7.35
N SER A 207 -3.94 -3.40 -7.71
CA SER A 207 -3.91 -4.31 -8.85
C SER A 207 -4.65 -5.63 -8.57
N ASN A 208 -5.06 -5.86 -7.33
CA ASN A 208 -5.88 -6.99 -7.00
CA ASN A 208 -5.87 -7.02 -7.04
C ASN A 208 -7.28 -6.94 -7.60
N VAL A 209 -7.75 -5.73 -7.90
CA VAL A 209 -9.10 -5.62 -8.39
C VAL A 209 -9.20 -6.28 -9.78
N SER A 210 -8.11 -6.38 -10.47
CA SER A 210 -8.10 -6.89 -11.86
C SER A 210 -7.38 -8.23 -12.13
N GLN A 211 -6.85 -8.89 -11.10
CA GLN A 211 -6.07 -10.15 -11.32
C GLN A 211 -6.86 -11.12 -12.23
N LYS A 212 -6.22 -11.48 -13.34
CA LYS A 212 -6.75 -12.39 -14.33
C LYS A 212 -8.04 -11.92 -14.97
N CYS A 213 -8.14 -10.62 -15.17
CA CYS A 213 -9.27 -10.07 -15.94
C CYS A 213 -8.68 -9.51 -17.21
N PRO A 214 -9.51 -9.31 -18.25
CA PRO A 214 -8.99 -8.56 -19.41
C PRO A 214 -8.85 -7.05 -19.11
N ASP A 215 -8.01 -6.39 -19.90
CA ASP A 215 -7.71 -4.94 -19.78
C ASP A 215 -7.69 -4.62 -18.30
N ARG A 216 -6.64 -5.14 -17.68
CA ARG A 216 -6.37 -4.79 -16.32
C ARG A 216 -6.15 -3.28 -16.19
N PRO A 217 -5.45 -2.68 -17.12
CA PRO A 217 -5.18 -1.27 -16.89
C PRO A 217 -6.43 -0.42 -16.80
N LEU A 218 -7.43 -0.75 -17.59
CA LEU A 218 -8.68 0.05 -17.58
C LEU A 218 -9.40 -0.19 -16.30
N ILE A 219 -9.42 -1.46 -15.85
CA ILE A 219 -10.14 -1.73 -14.62
C ILE A 219 -9.43 -1.07 -13.43
N ASN A 220 -8.11 -1.14 -13.42
CA ASN A 220 -7.31 -0.62 -12.30
C ASN A 220 -7.57 0.92 -12.18
N ARG A 221 -7.44 1.62 -13.27
CA ARG A 221 -7.57 3.11 -13.23
C ARG A 221 -8.99 3.54 -12.94
N THR A 222 -9.98 2.84 -13.48
CA THR A 222 -11.36 3.14 -13.14
C THR A 222 -11.59 2.96 -11.66
N TYR A 223 -11.24 1.79 -11.09
CA TYR A 223 -11.44 1.66 -9.65
C TYR A 223 -10.61 2.65 -8.80
N LEU A 224 -9.39 2.99 -9.21
CA LEU A 224 -8.56 3.90 -8.41
C LEU A 224 -9.30 5.28 -8.28
N VAL A 225 -9.93 5.69 -9.38
CA VAL A 225 -10.69 6.98 -9.37
C VAL A 225 -11.88 6.85 -8.48
N MET A 226 -12.58 5.69 -8.51
CA MET A 226 -13.73 5.50 -7.66
C MET A 226 -13.26 5.55 -6.21
N ALA A 227 -12.22 4.78 -5.91
CA ALA A 227 -11.77 4.68 -4.52
C ALA A 227 -11.27 6.07 -3.98
N MET A 228 -10.58 6.81 -4.80
CA MET A 228 -10.14 8.17 -4.40
C MET A 228 -11.31 9.03 -4.12
N THR A 229 -12.36 8.91 -4.92
CA THR A 229 -13.59 9.66 -4.64
C THR A 229 -14.21 9.31 -3.34
N ALA A 230 -14.14 8.01 -2.96
CA ALA A 230 -14.60 7.54 -1.68
C ALA A 230 -13.74 7.93 -0.47
N GLY A 231 -12.51 8.37 -0.73
CA GLY A 231 -11.66 8.96 0.30
C GLY A 231 -10.33 8.22 0.45
N LEU A 232 -9.96 7.43 -0.56
CA LEU A 232 -8.66 6.67 -0.50
C LEU A 232 -7.43 7.63 -0.40
N ASP A 233 -6.49 7.28 0.48
CA ASP A 233 -5.27 8.09 0.74
C ASP A 233 -4.01 7.57 0.09
N ALA A 234 -3.98 6.29 -0.27
CA ALA A 234 -2.77 5.64 -0.74
C ALA A 234 -3.13 4.41 -1.54
N ALA A 235 -2.24 4.01 -2.41
CA ALA A 235 -2.38 2.73 -3.07
C ALA A 235 -1.04 2.13 -3.36
N ILE A 236 -0.96 0.82 -3.16
CA ILE A 236 0.07 0.06 -3.81
C ILE A 236 -0.38 -0.22 -5.23
N MET A 237 0.43 0.19 -6.20
CA MET A 237 0.00 0.31 -7.56
C MET A 237 1.17 0.30 -8.50
N ASP A 238 0.86 0.16 -9.79
CA ASP A 238 1.82 0.24 -10.89
C ASP A 238 2.05 1.68 -11.25
N VAL A 239 3.06 2.28 -10.65
CA VAL A 239 3.40 3.69 -10.95
C VAL A 239 4.04 3.81 -12.35
N ASP A 240 4.33 2.70 -12.97
CA ASP A 240 4.91 2.73 -14.35
C ASP A 240 3.80 2.74 -15.41
N ASP A 241 2.54 2.65 -14.96
CA ASP A 241 1.36 2.69 -15.84
C ASP A 241 0.88 4.15 -15.98
N ASP A 242 1.36 4.80 -17.03
CA ASP A 242 1.23 6.28 -17.09
C ASP A 242 -0.27 6.67 -17.13
N ALA A 243 -1.10 5.85 -17.77
CA ALA A 243 -2.57 6.10 -17.83
C ALA A 243 -3.10 6.10 -16.41
N LEU A 244 -2.58 5.19 -15.59
CA LEU A 244 -3.12 5.04 -14.24
C LEU A 244 -2.79 6.34 -13.49
N VAL A 245 -1.53 6.75 -13.57
CA VAL A 245 -1.07 7.84 -12.74
C VAL A 245 -1.81 9.12 -13.22
N ASP A 246 -1.96 9.26 -14.55
CA ASP A 246 -2.72 10.36 -15.17
C ASP A 246 -4.15 10.40 -14.61
N ALA A 247 -4.76 9.22 -14.40
CA ALA A 247 -6.11 9.15 -13.82
C ALA A 247 -6.11 9.61 -12.39
N ALA A 248 -5.09 9.20 -11.62
CA ALA A 248 -5.08 9.57 -10.23
C ALA A 248 -4.87 11.06 -10.15
N ALA A 249 -3.96 11.55 -10.98
CA ALA A 249 -3.58 13.01 -10.96
C ALA A 249 -4.88 13.83 -11.20
N THR A 250 -5.64 13.37 -12.19
CA THR A 250 -6.84 14.08 -12.64
C THR A 250 -7.87 14.03 -11.52
N ALA A 251 -8.06 12.86 -10.90
CA ALA A 251 -8.94 12.77 -9.76
C ALA A 251 -8.55 13.70 -8.61
N HIS A 252 -7.26 13.78 -8.31
CA HIS A 252 -6.76 14.57 -7.19
C HIS A 252 -7.04 16.09 -7.39
N ILE A 253 -7.02 16.51 -8.64
CA ILE A 253 -7.29 17.91 -9.03
C ILE A 253 -8.81 18.19 -8.99
N LEU A 254 -9.56 17.16 -9.33
CA LEU A 254 -11.02 17.25 -9.33
C LEU A 254 -11.60 17.21 -7.94
N LEU A 255 -10.86 16.64 -6.97
CA LEU A 255 -11.21 16.63 -5.57
C LEU A 255 -10.69 17.91 -4.81
N ASN A 256 -10.14 18.80 -5.60
CA ASN A 256 -9.66 20.13 -5.10
C ASN A 256 -8.61 19.94 -4.02
N LYS A 257 -7.76 18.95 -4.26
CA LYS A 257 -6.73 18.69 -3.30
C LYS A 257 -5.39 19.39 -3.64
N GLU A 258 -5.24 19.78 -4.90
CA GLU A 258 -4.08 20.47 -5.41
C GLU A 258 -4.63 21.46 -6.42
N ILE A 259 -4.09 22.68 -6.45
CA ILE A 259 -4.67 23.70 -7.25
C ILE A 259 -4.37 23.49 -8.71
N TYR A 260 -5.40 23.65 -9.53
CA TYR A 260 -5.28 23.33 -10.91
C TYR A 260 -4.20 24.19 -11.53
N CYS A 261 -3.44 23.59 -12.43
CA CYS A 261 -2.76 24.33 -13.50
C CYS A 261 -2.75 23.43 -14.71
N ASP A 262 -2.38 23.95 -15.86
CA ASP A 262 -2.48 23.18 -17.09
C ASP A 262 -1.48 22.07 -17.13
N SER A 263 -0.44 22.14 -16.32
CA SER A 263 0.56 21.06 -16.32
C SER A 263 0.46 20.16 -15.07
N TYR A 264 -0.77 19.98 -14.57
CA TYR A 264 -0.98 19.22 -13.33
C TYR A 264 -0.50 17.76 -13.43
N LEU A 265 -0.55 17.18 -14.63
CA LEU A 265 -0.11 15.77 -14.83
C LEU A 265 1.37 15.61 -14.46
N LYS A 266 2.17 16.65 -14.77
CA LYS A 266 3.59 16.72 -14.38
C LYS A 266 3.73 17.10 -12.91
N THR A 267 3.08 18.18 -12.50
CA THR A 267 3.14 18.58 -11.10
C THR A 267 2.76 17.46 -10.14
N PHE A 268 1.72 16.70 -10.48
CA PHE A 268 1.21 15.72 -9.49
C PHE A 268 2.34 14.73 -9.24
N ARG A 269 3.08 14.43 -10.30
CA ARG A 269 4.18 13.47 -10.21
C ARG A 269 5.36 13.98 -9.37
N GLN A 270 5.48 15.29 -9.19
CA GLN A 270 6.63 15.87 -8.47
C GLN A 270 6.38 15.99 -6.98
N LYS A 271 5.11 15.82 -6.58
CA LYS A 271 4.61 16.17 -5.24
C LYS A 271 4.64 14.97 -4.28
S SO4 B . -2.44 -11.37 -15.38
O1 SO4 B . -3.86 -11.34 -15.73
O2 SO4 B . -1.75 -12.42 -16.16
O3 SO4 B . -1.78 -10.10 -15.70
O4 SO4 B . -2.35 -11.69 -13.94
S SO4 C . 17.96 7.14 9.45
O1 SO4 C . 17.20 8.39 9.41
O2 SO4 C . 18.38 6.80 8.10
O3 SO4 C . 19.18 7.37 10.25
O4 SO4 C . 17.17 6.06 10.05
S SO4 D . 15.27 1.83 17.21
O1 SO4 D . 14.14 2.66 16.84
O2 SO4 D . 16.09 1.62 16.01
O3 SO4 D . 16.04 2.51 18.24
O4 SO4 D . 14.83 0.54 17.76
#